data_7LFU
#
_entry.id   7LFU
#
_cell.length_a   70.775
_cell.length_b   90.408
_cell.length_c   113.563
_cell.angle_alpha   90.000
_cell.angle_beta   90.000
_cell.angle_gamma   90.000
#
_symmetry.space_group_name_H-M   'I 2 2 2'
#
loop_
_entity.id
_entity.type
_entity.pdbx_description
1 polymer 'papain-like protease'
2 polymer 'Papain-like protease peptide inhibitor VIR250'
#
loop_
_entity_poly.entity_id
_entity_poly.type
_entity_poly.pdbx_seq_one_letter_code
_entity_poly.pdbx_strand_id
1 'polypeptide(L)'
;MEVKTIKVFTTVDNTNLHTQLVDMSMTYGQQFGPTYLDGADVTKIKPHVNHEGKTFFVLPSDDTLRSEAFEYYHTLDESF
LGRYMSALNHTKKWKFPQVGGLTSIKWADNNCYLSSVLLALQQLEVKFNAPALQEAYYRARAGDAANFCALILAYSNKTV
GELGDVRETMTHLLQHANLESAKRVLNVVCKHCGQKTTTLTGVEAVMYMGTLSYDNLKTGVSIPCVCGRDATQYLVQQES
SFVMMSAPPAEYKLQQGTFLCANEYTGNYQCGHYTHITAKETLYRIDGAHLTKMSEYKGPVTDVFYKETSYTTTIKPLEH
HHHHH
;
D
2 'polypeptide(L)' (ACE)(UB4)(DPP)G(GVE) A
#
# COMPACT_ATOMS: atom_id res chain seq x y z
N THR A 5 -33.15 -14.39 22.56
CA THR A 5 -31.76 -14.57 22.18
C THR A 5 -31.66 -14.98 20.71
N ILE A 6 -30.62 -14.49 20.02
CA ILE A 6 -30.43 -14.78 18.61
C ILE A 6 -29.04 -15.35 18.40
N LYS A 7 -28.88 -16.01 17.25
CA LYS A 7 -27.61 -16.62 16.86
C LYS A 7 -26.94 -15.75 15.81
N VAL A 8 -25.73 -15.27 16.12
CA VAL A 8 -24.93 -14.51 15.19
C VAL A 8 -23.54 -15.12 15.14
N PHE A 9 -22.64 -14.49 14.38
CA PHE A 9 -21.28 -14.95 14.22
C PHE A 9 -20.32 -13.80 14.50
N THR A 10 -19.30 -14.06 15.29
CA THR A 10 -18.21 -13.12 15.51
C THR A 10 -16.98 -13.59 14.78
N THR A 11 -16.13 -12.65 14.37
CA THR A 11 -14.94 -13.00 13.61
C THR A 11 -13.92 -11.89 13.74
N VAL A 12 -12.65 -12.27 13.55
CA VAL A 12 -11.55 -11.31 13.49
C VAL A 12 -10.81 -11.36 12.17
N ASP A 13 -10.98 -12.41 11.35
CA ASP A 13 -10.16 -12.61 10.17
C ASP A 13 -10.97 -12.76 8.88
N ASN A 14 -12.27 -12.48 8.91
CA ASN A 14 -13.18 -12.64 7.77
C ASN A 14 -13.25 -14.08 7.28
N THR A 15 -12.59 -15.01 7.96
CA THR A 15 -12.48 -16.40 7.52
C THR A 15 -13.13 -17.37 8.49
N ASN A 16 -12.74 -17.33 9.76
CA ASN A 16 -13.32 -18.20 10.78
C ASN A 16 -14.48 -17.48 11.45
N LEU A 17 -15.68 -18.01 11.31
CA LEU A 17 -16.88 -17.42 11.88
C LEU A 17 -17.27 -18.20 13.13
N HIS A 18 -17.23 -17.54 14.28
CA HIS A 18 -17.49 -18.17 15.57
C HIS A 18 -18.97 -18.02 15.91
N THR A 19 -19.68 -19.15 15.96
CA THR A 19 -21.10 -19.12 16.32
C THR A 19 -21.28 -18.60 17.74
N GLN A 20 -22.16 -17.62 17.90
CA GLN A 20 -22.44 -17.03 19.21
C GLN A 20 -23.95 -16.91 19.38
N LEU A 21 -24.46 -17.44 20.49
CA LEU A 21 -25.87 -17.27 20.86
C LEU A 21 -25.94 -16.19 21.92
N VAL A 22 -26.39 -15.02 21.50
CA VAL A 22 -26.22 -13.76 22.23
C VAL A 22 -27.46 -13.49 23.06
N ASP A 23 -27.27 -13.01 24.30
CA ASP A 23 -28.42 -12.62 25.12
C ASP A 23 -28.89 -11.24 24.69
N MET A 24 -30.20 -11.12 24.46
CA MET A 24 -30.80 -9.87 24.02
C MET A 24 -30.82 -8.81 25.09
N SER A 25 -30.45 -9.13 26.32
CA SER A 25 -30.50 -8.17 27.41
C SER A 25 -29.22 -7.34 27.52
N MET A 26 -28.07 -7.90 27.14
CA MET A 26 -26.81 -7.19 27.18
C MET A 26 -26.47 -6.65 25.80
N THR A 27 -25.79 -5.51 25.77
CA THR A 27 -25.30 -4.95 24.52
C THR A 27 -24.18 -5.82 23.97
N TYR A 28 -23.83 -5.59 22.70
CA TYR A 28 -22.71 -6.31 22.10
C TYR A 28 -21.42 -6.04 22.84
N GLY A 29 -21.24 -4.82 23.36
CA GLY A 29 -20.05 -4.53 24.12
C GLY A 29 -19.93 -5.35 25.38
N GLN A 30 -21.06 -5.63 26.04
CA GLN A 30 -21.04 -6.44 27.25
C GLN A 30 -20.63 -7.88 26.95
N GLN A 31 -20.94 -8.37 25.76
CA GLN A 31 -20.77 -9.79 25.48
C GLN A 31 -19.44 -10.12 24.81
N PHE A 32 -18.99 -9.30 23.85
CA PHE A 32 -17.73 -9.54 23.16
C PHE A 32 -16.74 -8.40 23.27
N GLY A 33 -17.11 -7.27 23.87
CA GLY A 33 -16.32 -6.07 23.77
C GLY A 33 -16.78 -5.26 22.57
N PRO A 34 -15.95 -4.31 22.12
CA PRO A 34 -16.34 -3.48 20.98
C PRO A 34 -16.61 -4.33 19.74
N THR A 35 -17.77 -4.11 19.13
CA THR A 35 -18.27 -4.94 18.05
C THR A 35 -18.63 -4.07 16.86
N TYR A 36 -18.55 -4.65 15.66
CA TYR A 36 -18.79 -3.92 14.43
C TYR A 36 -19.70 -4.72 13.51
N LEU A 37 -20.58 -4.02 12.80
CA LEU A 37 -21.48 -4.62 11.81
C LEU A 37 -21.27 -3.89 10.49
N ASP A 38 -20.53 -4.51 9.57
CA ASP A 38 -20.24 -3.93 8.25
C ASP A 38 -19.58 -2.55 8.39
N GLY A 39 -18.75 -2.40 9.42
CA GLY A 39 -18.09 -1.15 9.70
C GLY A 39 -18.74 -0.33 10.80
N ALA A 40 -20.04 -0.50 11.00
CA ALA A 40 -20.76 0.30 11.99
C ALA A 40 -20.44 -0.19 13.40
N ASP A 41 -20.03 0.74 14.26
CA ASP A 41 -19.71 0.42 15.65
C ASP A 41 -20.99 0.07 16.39
N VAL A 42 -21.18 -1.22 16.69
CA VAL A 42 -22.41 -1.69 17.33
C VAL A 42 -22.13 -2.06 18.78
N THR A 43 -21.17 -1.38 19.39
CA THR A 43 -20.79 -1.70 20.77
C THR A 43 -21.90 -1.37 21.75
N LYS A 44 -22.55 -0.22 21.58
CA LYS A 44 -23.49 0.31 22.57
C LYS A 44 -24.94 0.20 22.10
N ILE A 45 -25.28 -0.83 21.32
CA ILE A 45 -26.63 -1.01 20.79
C ILE A 45 -27.11 -2.41 21.12
N LYS A 46 -28.37 -2.51 21.55
CA LYS A 46 -28.96 -3.80 21.85
C LYS A 46 -29.17 -4.58 20.55
N PRO A 47 -28.97 -5.91 20.57
CA PRO A 47 -29.13 -6.70 19.34
C PRO A 47 -30.59 -6.72 18.89
N HIS A 48 -30.81 -6.28 17.65
CA HIS A 48 -32.14 -6.33 17.06
C HIS A 48 -32.49 -7.77 16.66
N VAL A 49 -33.78 -8.00 16.43
CA VAL A 49 -34.21 -9.34 16.04
C VAL A 49 -33.77 -9.66 14.61
N ASN A 50 -33.75 -8.66 13.73
CA ASN A 50 -33.31 -8.89 12.36
C ASN A 50 -31.80 -8.99 12.21
N HIS A 51 -31.05 -8.90 13.32
CA HIS A 51 -29.61 -9.09 13.29
C HIS A 51 -29.20 -10.56 13.31
N GLU A 52 -30.17 -11.47 13.35
CA GLU A 52 -29.85 -12.89 13.43
C GLU A 52 -29.19 -13.38 12.15
N GLY A 53 -28.14 -14.18 12.30
CA GLY A 53 -27.43 -14.75 11.18
C GLY A 53 -26.32 -13.88 10.63
N LYS A 54 -26.29 -12.60 10.97
CA LYS A 54 -25.24 -11.72 10.48
C LYS A 54 -23.93 -11.98 11.22
N THR A 55 -22.84 -11.53 10.61
CA THR A 55 -21.51 -11.69 11.19
C THR A 55 -20.98 -10.35 11.65
N PHE A 56 -20.31 -10.35 12.79
CA PHE A 56 -19.81 -9.14 13.42
C PHE A 56 -18.30 -9.23 13.63
N PHE A 57 -17.62 -8.10 13.45
CA PHE A 57 -16.19 -8.01 13.72
C PHE A 57 -15.97 -7.64 15.18
N VAL A 58 -15.04 -8.35 15.83
CA VAL A 58 -14.68 -8.08 17.21
C VAL A 58 -13.16 -8.10 17.33
N LEU A 59 -12.67 -7.47 18.39
CA LEU A 59 -11.25 -7.55 18.67
C LEU A 59 -10.92 -8.86 19.39
N PRO A 60 -9.71 -9.37 19.22
CA PRO A 60 -9.32 -10.61 19.92
C PRO A 60 -9.48 -10.51 21.43
N SER A 61 -10.41 -11.27 21.98
CA SER A 61 -10.63 -11.29 23.42
C SER A 61 -10.04 -12.52 24.10
N ASP A 62 -9.69 -13.55 23.34
CA ASP A 62 -9.02 -14.74 23.85
C ASP A 62 -7.83 -15.07 22.97
N ASP A 63 -7.15 -16.18 23.27
CA ASP A 63 -5.92 -16.51 22.58
C ASP A 63 -6.15 -17.16 21.23
N THR A 64 -7.28 -17.83 21.04
CA THR A 64 -7.62 -18.34 19.71
C THR A 64 -7.93 -17.19 18.75
N LEU A 65 -8.68 -16.19 19.23
CA LEU A 65 -8.93 -15.00 18.41
C LEU A 65 -7.64 -14.23 18.15
N ARG A 66 -6.77 -14.16 19.16
CA ARG A 66 -5.47 -13.52 18.96
C ARG A 66 -4.62 -14.26 17.95
N SER A 67 -4.75 -15.60 17.89
CA SER A 67 -4.02 -16.37 16.91
C SER A 67 -4.56 -16.12 15.49
N GLU A 68 -5.88 -16.09 15.35
CA GLU A 68 -6.47 -15.86 14.03
C GLU A 68 -6.15 -14.47 13.50
N ALA A 69 -6.21 -13.46 14.37
CA ALA A 69 -5.90 -12.10 13.93
C ALA A 69 -4.43 -11.95 13.56
N PHE A 70 -3.54 -12.66 14.25
CA PHE A 70 -2.12 -12.57 13.92
C PHE A 70 -1.81 -13.27 12.61
N GLU A 71 -2.36 -14.47 12.40
CA GLU A 71 -2.09 -15.22 11.18
C GLU A 71 -2.73 -14.56 9.95
N TYR A 72 -3.74 -13.72 10.13
CA TYR A 72 -4.44 -13.09 9.03
C TYR A 72 -3.89 -11.71 8.69
N TYR A 73 -3.51 -10.93 9.71
CA TYR A 73 -3.02 -9.58 9.50
C TYR A 73 -1.51 -9.45 9.66
N HIS A 74 -0.85 -10.44 10.25
CA HIS A 74 0.60 -10.41 10.49
C HIS A 74 1.01 -9.18 11.30
N THR A 75 0.18 -8.82 12.28
CA THR A 75 0.48 -7.72 13.19
C THR A 75 -0.02 -8.06 14.59
N LEU A 76 0.56 -7.41 15.59
CA LEU A 76 0.15 -7.59 16.98
C LEU A 76 -0.44 -6.33 17.58
N ASP A 77 -0.45 -5.24 16.83
CA ASP A 77 -1.10 -4.01 17.25
C ASP A 77 -2.60 -4.24 17.41
N GLU A 78 -3.09 -4.09 18.63
CA GLU A 78 -4.53 -4.21 18.82
C GLU A 78 -5.27 -2.98 18.35
N SER A 79 -4.64 -1.79 18.39
CA SER A 79 -5.25 -0.60 17.81
C SER A 79 -5.38 -0.73 16.30
N PHE A 80 -4.57 -1.60 15.68
CA PHE A 80 -4.70 -1.84 14.25
C PHE A 80 -6.13 -2.21 13.88
N LEU A 81 -6.65 -3.25 14.54
CA LEU A 81 -8.01 -3.70 14.27
C LEU A 81 -9.03 -2.57 14.44
N GLY A 82 -8.93 -1.84 15.55
CA GLY A 82 -9.80 -0.68 15.74
C GLY A 82 -9.68 0.30 14.59
N ARG A 83 -8.44 0.69 14.24
CA ARG A 83 -8.27 1.69 13.18
C ARG A 83 -8.74 1.18 11.83
N TYR A 84 -8.51 -0.11 11.53
CA TYR A 84 -9.01 -0.69 10.29
C TYR A 84 -10.51 -0.48 10.14
N MET A 85 -11.27 -0.85 11.17
CA MET A 85 -12.72 -0.68 11.12
C MET A 85 -13.10 0.80 10.96
N SER A 86 -12.40 1.70 11.67
CA SER A 86 -12.73 3.11 11.59
C SER A 86 -12.49 3.66 10.18
N ALA A 87 -11.41 3.19 9.53
CA ALA A 87 -11.15 3.65 8.17
C ALA A 87 -12.16 3.06 7.19
N LEU A 88 -12.56 1.81 7.40
CA LEU A 88 -13.46 1.13 6.48
C LEU A 88 -14.78 1.88 6.32
N ASN A 89 -15.28 2.46 7.41
CA ASN A 89 -16.54 3.21 7.35
C ASN A 89 -16.48 4.37 6.38
N HIS A 90 -15.28 4.90 6.11
CA HIS A 90 -15.12 5.95 5.11
C HIS A 90 -14.88 5.37 3.71
N THR A 91 -13.93 4.44 3.60
CA THR A 91 -13.50 3.98 2.28
C THR A 91 -14.60 3.23 1.54
N LYS A 92 -15.54 2.60 2.26
CA LYS A 92 -16.64 1.94 1.58
C LYS A 92 -17.61 2.93 0.96
N LYS A 93 -17.44 4.22 1.22
CA LYS A 93 -18.20 5.26 0.54
C LYS A 93 -17.38 5.95 -0.55
N TRP A 94 -16.13 5.54 -0.74
CA TRP A 94 -15.34 6.03 -1.87
C TRP A 94 -15.80 5.36 -3.15
N LYS A 95 -15.49 6.00 -4.27
CA LYS A 95 -15.74 5.44 -5.59
C LYS A 95 -14.45 4.89 -6.16
N PHE A 96 -14.53 3.72 -6.80
CA PHE A 96 -13.37 3.04 -7.39
C PHE A 96 -13.64 2.80 -8.86
N PRO A 97 -13.54 3.83 -9.69
CA PRO A 97 -13.77 3.64 -11.13
C PRO A 97 -12.55 3.05 -11.82
N GLN A 98 -12.81 2.38 -12.95
CA GLN A 98 -11.75 1.87 -13.80
C GLN A 98 -11.21 3.02 -14.64
N VAL A 99 -9.96 3.38 -14.42
CA VAL A 99 -9.32 4.47 -15.15
C VAL A 99 -8.02 3.95 -15.74
N GLY A 100 -7.87 4.09 -17.05
CA GLY A 100 -6.68 3.58 -17.73
C GLY A 100 -6.52 2.08 -17.67
N GLY A 101 -7.64 1.34 -17.64
CA GLY A 101 -7.58 -0.09 -17.46
C GLY A 101 -7.24 -0.54 -16.06
N LEU A 102 -7.16 0.39 -15.11
CA LEU A 102 -6.79 0.09 -13.73
C LEU A 102 -7.84 0.66 -12.78
N THR A 103 -7.83 0.16 -11.56
CA THR A 103 -8.74 0.63 -10.52
C THR A 103 -8.14 1.87 -9.85
N SER A 104 -8.85 2.99 -9.95
CA SER A 104 -8.45 4.25 -9.33
C SER A 104 -9.41 4.58 -8.19
N ILE A 105 -9.18 5.72 -7.54
CA ILE A 105 -10.01 6.18 -6.43
C ILE A 105 -10.46 7.60 -6.72
N LYS A 106 -11.78 7.82 -6.70
CA LYS A 106 -12.32 9.16 -6.86
C LYS A 106 -11.87 10.05 -5.71
N TRP A 107 -11.62 11.32 -6.01
CA TRP A 107 -11.13 12.29 -5.03
C TRP A 107 -12.02 12.32 -3.79
N ALA A 108 -11.41 12.09 -2.63
CA ALA A 108 -12.11 12.15 -1.35
C ALA A 108 -11.13 12.03 -0.19
N ASP A 109 -11.19 12.98 0.75
CA ASP A 109 -10.44 12.89 2.00
C ASP A 109 -8.94 12.79 1.76
N ASN A 110 -8.43 13.57 0.81
CA ASN A 110 -6.99 13.61 0.49
C ASN A 110 -6.47 12.22 0.14
N ASN A 111 -7.23 11.48 -0.68
CA ASN A 111 -6.87 10.11 -1.03
C ASN A 111 -5.90 10.01 -2.19
N CYS A 112 -5.40 11.14 -2.71
CA CYS A 112 -4.65 11.10 -3.96
C CYS A 112 -3.42 10.21 -3.86
N TYR A 113 -2.68 10.30 -2.74
CA TYR A 113 -1.49 9.47 -2.59
C TYR A 113 -1.86 8.00 -2.50
N LEU A 114 -2.99 7.69 -1.87
CA LEU A 114 -3.46 6.31 -1.83
C LEU A 114 -3.84 5.82 -3.22
N SER A 115 -4.41 6.71 -4.04
CA SER A 115 -4.77 6.32 -5.40
C SER A 115 -3.52 6.01 -6.22
N SER A 116 -2.46 6.82 -6.07
CA SER A 116 -1.21 6.53 -6.75
C SER A 116 -0.59 5.22 -6.27
N VAL A 117 -0.79 4.88 -4.99
CA VAL A 117 -0.29 3.61 -4.48
C VAL A 117 -1.04 2.44 -5.12
N LEU A 118 -2.37 2.52 -5.13
CA LEU A 118 -3.18 1.43 -5.67
C LEU A 118 -2.93 1.23 -7.16
N LEU A 119 -2.69 2.32 -7.90
CA LEU A 119 -2.51 2.20 -9.35
C LEU A 119 -1.19 1.53 -9.69
N ALA A 120 -0.11 1.91 -9.00
CA ALA A 120 1.19 1.32 -9.30
C ALA A 120 1.24 -0.15 -8.91
N LEU A 121 0.62 -0.50 -7.78
CA LEU A 121 0.63 -1.88 -7.31
C LEU A 121 0.01 -2.82 -8.35
N GLN A 122 -1.04 -2.37 -9.03
CA GLN A 122 -1.73 -3.19 -10.01
C GLN A 122 -0.86 -3.51 -11.23
N GLN A 123 0.28 -2.83 -11.39
CA GLN A 123 1.18 -3.07 -12.51
C GLN A 123 2.48 -3.71 -12.09
N LEU A 124 2.71 -3.92 -10.79
CA LEU A 124 3.89 -4.59 -10.29
C LEU A 124 3.57 -6.06 -10.03
N GLU A 125 4.50 -6.94 -10.38
CA GLU A 125 4.35 -8.36 -10.12
C GLU A 125 4.72 -8.60 -8.66
N VAL A 126 3.76 -8.27 -7.78
CA VAL A 126 3.98 -8.34 -6.34
C VAL A 126 2.73 -8.94 -5.69
N LYS A 127 2.96 -9.80 -4.69
CA LYS A 127 1.87 -10.39 -3.93
C LYS A 127 2.28 -10.43 -2.46
N PHE A 128 1.30 -10.30 -1.58
CA PHE A 128 1.54 -10.03 -0.18
C PHE A 128 1.60 -11.30 0.65
N ASN A 129 2.32 -11.21 1.77
CA ASN A 129 2.42 -12.33 2.71
C ASN A 129 1.18 -12.43 3.59
N ALA A 130 0.80 -11.32 4.22
CA ALA A 130 -0.38 -11.30 5.08
C ALA A 130 -1.62 -11.62 4.26
N PRO A 131 -2.38 -12.66 4.62
CA PRO A 131 -3.58 -13.01 3.84
C PRO A 131 -4.62 -11.90 3.77
N ALA A 132 -4.63 -10.99 4.74
CA ALA A 132 -5.61 -9.90 4.72
C ALA A 132 -5.39 -9.00 3.51
N LEU A 133 -4.14 -8.60 3.27
CA LEU A 133 -3.85 -7.74 2.14
C LEU A 133 -4.04 -8.47 0.82
N GLN A 134 -3.56 -9.72 0.73
CA GLN A 134 -3.65 -10.45 -0.54
C GLN A 134 -5.10 -10.66 -0.95
N GLU A 135 -5.97 -10.97 0.01
CA GLU A 135 -7.38 -11.18 -0.33
C GLU A 135 -8.07 -9.86 -0.64
N ALA A 136 -7.74 -8.80 0.09
CA ALA A 136 -8.30 -7.49 -0.22
C ALA A 136 -7.74 -6.93 -1.52
N TYR A 137 -6.48 -7.27 -1.84
CA TYR A 137 -5.89 -6.80 -3.09
C TYR A 137 -6.55 -7.44 -4.29
N TYR A 138 -6.87 -8.73 -4.21
CA TYR A 138 -7.55 -9.41 -5.30
C TYR A 138 -8.91 -8.79 -5.59
N ARG A 139 -9.62 -8.34 -4.56
CA ARG A 139 -10.87 -7.62 -4.76
C ARG A 139 -10.64 -6.19 -5.23
N ALA A 140 -9.55 -5.56 -4.79
CA ALA A 140 -9.23 -4.22 -5.26
C ALA A 140 -9.00 -4.19 -6.77
N ARG A 141 -8.26 -5.18 -7.29
CA ARG A 141 -8.06 -5.26 -8.73
C ARG A 141 -9.36 -5.39 -9.51
N ALA A 142 -10.44 -5.84 -8.86
CA ALA A 142 -11.75 -6.00 -9.50
C ALA A 142 -12.65 -4.80 -9.27
N GLY A 143 -12.13 -3.71 -8.71
CA GLY A 143 -12.93 -2.52 -8.44
C GLY A 143 -13.50 -2.45 -7.04
N ASP A 144 -13.40 -3.53 -6.26
CA ASP A 144 -13.89 -3.55 -4.88
C ASP A 144 -12.69 -3.37 -3.97
N ALA A 145 -12.27 -2.12 -3.80
CA ALA A 145 -11.02 -1.79 -3.13
C ALA A 145 -11.21 -1.12 -1.77
N ALA A 146 -12.45 -1.09 -1.25
CA ALA A 146 -12.70 -0.41 0.01
C ALA A 146 -11.92 -1.06 1.16
N ASN A 147 -11.98 -2.39 1.25
CA ASN A 147 -11.25 -3.09 2.29
C ASN A 147 -9.75 -2.89 2.14
N PHE A 148 -9.25 -2.93 0.91
CA PHE A 148 -7.81 -2.80 0.68
C PHE A 148 -7.31 -1.41 1.08
N CYS A 149 -8.07 -0.37 0.74
CA CYS A 149 -7.66 0.98 1.09
C CYS A 149 -7.67 1.18 2.61
N ALA A 150 -8.66 0.60 3.29
CA ALA A 150 -8.71 0.72 4.75
C ALA A 150 -7.55 -0.01 5.41
N LEU A 151 -7.15 -1.16 4.85
CA LEU A 151 -5.99 -1.88 5.38
C LEU A 151 -4.72 -1.06 5.22
N ILE A 152 -4.54 -0.42 4.06
CA ILE A 152 -3.35 0.38 3.82
C ILE A 152 -3.24 1.50 4.86
N LEU A 153 -4.36 2.19 5.12
CA LEU A 153 -4.37 3.22 6.15
C LEU A 153 -4.04 2.63 7.51
N ALA A 154 -4.54 1.43 7.80
CA ALA A 154 -4.27 0.81 9.09
C ALA A 154 -2.82 0.35 9.21
N TYR A 155 -2.26 -0.22 8.13
CA TYR A 155 -0.87 -0.66 8.17
C TYR A 155 0.10 0.51 8.21
N SER A 156 -0.30 1.66 7.66
CA SER A 156 0.55 2.83 7.65
C SER A 156 0.34 3.73 8.87
N ASN A 157 -0.58 3.38 9.76
CA ASN A 157 -0.89 4.21 10.93
C ASN A 157 -1.28 5.61 10.48
N LYS A 158 -2.16 5.68 9.46
CA LYS A 158 -2.71 6.93 8.97
C LYS A 158 -4.23 6.91 9.08
N THR A 159 -4.82 8.10 9.08
CA THR A 159 -6.26 8.24 9.20
C THR A 159 -6.84 8.87 7.94
N VAL A 160 -8.14 8.65 7.75
CA VAL A 160 -8.84 9.24 6.61
C VAL A 160 -8.80 10.76 6.72
N GLY A 161 -8.41 11.41 5.62
CA GLY A 161 -8.24 12.84 5.58
C GLY A 161 -6.82 13.31 5.79
N GLU A 162 -5.94 12.45 6.28
CA GLU A 162 -4.54 12.81 6.44
C GLU A 162 -3.85 12.89 5.09
N LEU A 163 -3.03 13.93 4.90
CA LEU A 163 -2.14 14.00 3.76
C LEU A 163 -1.06 12.92 3.89
N GLY A 164 -0.62 12.38 2.74
CA GLY A 164 0.25 11.23 2.76
C GLY A 164 1.43 11.37 1.81
N ASP A 165 2.34 10.39 1.90
CA ASP A 165 3.49 10.27 1.03
C ASP A 165 3.46 8.89 0.38
N VAL A 166 3.56 8.85 -0.94
CA VAL A 166 3.44 7.58 -1.65
C VAL A 166 4.59 6.64 -1.29
N ARG A 167 5.81 7.18 -1.24
CA ARG A 167 6.97 6.33 -0.95
C ARG A 167 6.88 5.74 0.45
N GLU A 168 6.48 6.54 1.44
CA GLU A 168 6.33 6.02 2.80
C GLU A 168 5.25 4.95 2.87
N THR A 169 4.17 5.13 2.12
CA THR A 169 3.09 4.14 2.12
C THR A 169 3.56 2.81 1.52
N MET A 170 4.29 2.87 0.40
CA MET A 170 4.78 1.65 -0.22
C MET A 170 5.75 0.90 0.70
N THR A 171 6.57 1.65 1.44
CA THR A 171 7.54 1.02 2.32
C THR A 171 6.85 0.20 3.41
N HIS A 172 5.71 0.68 3.91
CA HIS A 172 4.97 -0.09 4.91
C HIS A 172 4.30 -1.30 4.28
N LEU A 173 3.69 -1.14 3.11
CA LEU A 173 3.00 -2.25 2.46
C LEU A 173 3.98 -3.36 2.06
N LEU A 174 5.13 -2.97 1.49
CA LEU A 174 6.09 -3.97 1.03
C LEU A 174 6.73 -4.76 2.16
N GLN A 175 6.56 -4.33 3.41
CA GLN A 175 6.98 -5.17 4.54
C GLN A 175 6.20 -6.48 4.57
N HIS A 176 4.98 -6.48 4.04
CA HIS A 176 4.14 -7.66 3.98
C HIS A 176 4.09 -8.28 2.59
N ALA A 177 4.88 -7.77 1.66
CA ALA A 177 5.01 -8.38 0.34
C ALA A 177 6.14 -9.40 0.35
N ASN A 178 6.00 -10.43 -0.48
CA ASN A 178 7.00 -11.49 -0.55
C ASN A 178 8.19 -10.97 -1.35
N LEU A 179 9.11 -10.32 -0.66
CA LEU A 179 10.38 -9.87 -1.25
C LEU A 179 11.55 -10.69 -0.73
N GLU A 180 11.28 -11.93 -0.32
CA GLU A 180 12.33 -12.80 0.20
C GLU A 180 13.41 -13.09 -0.85
N SER A 181 13.02 -13.12 -2.13
CA SER A 181 13.95 -13.39 -3.21
C SER A 181 14.55 -12.12 -3.81
N ALA A 182 14.14 -10.94 -3.33
CA ALA A 182 14.64 -9.68 -3.85
C ALA A 182 16.03 -9.41 -3.27
N LYS A 183 17.01 -9.21 -4.15
CA LYS A 183 18.38 -8.95 -3.72
C LYS A 183 19.01 -7.89 -4.61
N ARG A 184 19.60 -6.88 -3.96
CA ARG A 184 20.35 -5.84 -4.64
C ARG A 184 21.74 -5.76 -4.04
N VAL A 185 22.76 -5.77 -4.89
CA VAL A 185 24.14 -5.70 -4.43
C VAL A 185 24.86 -4.62 -5.22
N LEU A 186 25.51 -3.71 -4.50
CA LEU A 186 26.19 -2.56 -5.08
C LEU A 186 27.67 -2.62 -4.75
N ASN A 187 28.49 -2.09 -5.66
CA ASN A 187 29.92 -1.95 -5.44
C ASN A 187 30.22 -0.50 -5.07
N VAL A 188 30.63 -0.29 -3.82
CA VAL A 188 31.03 1.02 -3.34
C VAL A 188 32.52 1.19 -3.61
N VAL A 189 32.90 2.33 -4.17
CA VAL A 189 34.29 2.60 -4.49
C VAL A 189 34.75 3.83 -3.71
N CYS A 190 35.74 3.61 -2.84
CA CYS A 190 36.55 4.67 -2.26
C CYS A 190 38.00 4.33 -2.52
N LYS A 191 38.87 5.32 -2.34
CA LYS A 191 40.27 5.12 -2.71
C LYS A 191 41.04 4.28 -1.69
N HIS A 192 40.43 3.95 -0.56
CA HIS A 192 41.10 3.08 0.42
C HIS A 192 40.07 2.19 1.12
N CYS A 193 39.10 1.68 0.35
CA CYS A 193 38.14 0.69 0.83
C CYS A 193 38.36 -0.66 0.19
N GLY A 194 39.40 -0.82 -0.63
CA GLY A 194 39.52 -2.02 -1.42
C GLY A 194 38.33 -2.13 -2.36
N GLN A 195 37.83 -3.36 -2.50
CA GLN A 195 36.56 -3.60 -3.19
C GLN A 195 35.53 -3.91 -2.12
N LYS A 196 34.70 -2.91 -1.79
CA LYS A 196 33.65 -3.07 -0.80
C LYS A 196 32.31 -3.28 -1.50
N THR A 197 31.49 -4.15 -0.93
CA THR A 197 30.26 -4.60 -1.55
C THR A 197 29.11 -4.45 -0.56
N THR A 198 28.03 -3.79 -0.99
CA THR A 198 26.84 -3.61 -0.18
C THR A 198 25.70 -4.42 -0.75
N THR A 199 25.08 -5.25 0.08
CA THR A 199 23.99 -6.12 -0.33
C THR A 199 22.72 -5.75 0.44
N LEU A 200 21.64 -5.52 -0.30
CA LEU A 200 20.34 -5.22 0.28
C LEU A 200 19.36 -6.35 -0.02
N THR A 201 18.53 -6.68 0.98
CA THR A 201 17.48 -7.68 0.83
C THR A 201 16.20 -7.14 1.44
N GLY A 202 15.08 -7.44 0.80
CA GLY A 202 13.79 -6.98 1.28
C GLY A 202 13.30 -5.71 0.63
N VAL A 203 12.71 -4.81 1.41
CA VAL A 203 12.16 -3.58 0.85
C VAL A 203 13.27 -2.67 0.34
N GLU A 204 14.44 -2.73 0.93
CA GLU A 204 15.52 -1.85 0.53
C GLU A 204 16.28 -2.37 -0.70
N ALA A 205 15.97 -3.58 -1.17
CA ALA A 205 16.56 -4.06 -2.41
C ALA A 205 15.84 -3.54 -3.64
N VAL A 206 14.61 -3.04 -3.48
CA VAL A 206 13.82 -2.55 -4.60
C VAL A 206 13.48 -1.06 -4.47
N MET A 207 13.95 -0.39 -3.43
CA MET A 207 13.66 1.02 -3.21
C MET A 207 14.96 1.81 -3.08
N TYR A 208 14.90 3.07 -3.49
CA TYR A 208 16.07 3.94 -3.42
C TYR A 208 15.61 5.38 -3.37
N MET A 209 16.32 6.19 -2.59
CA MET A 209 16.06 7.62 -2.46
C MET A 209 17.27 8.39 -2.95
N GLY A 210 17.06 9.31 -3.90
CA GLY A 210 18.15 10.11 -4.41
C GLY A 210 17.98 10.56 -5.84
N THR A 211 17.45 9.68 -6.69
CA THR A 211 17.24 10.02 -8.09
C THR A 211 16.12 9.16 -8.66
N LEU A 212 15.48 9.67 -9.71
CA LEU A 212 14.40 8.96 -10.39
C LEU A 212 14.89 8.05 -11.50
N SER A 213 16.19 8.05 -11.78
CA SER A 213 16.75 7.35 -12.93
C SER A 213 17.32 6.01 -12.49
N TYR A 214 16.74 4.91 -13.02
CA TYR A 214 17.31 3.59 -12.81
C TYR A 214 18.68 3.47 -13.46
N ASP A 215 18.89 4.18 -14.58
CA ASP A 215 20.19 4.15 -15.23
C ASP A 215 21.27 4.82 -14.40
N ASN A 216 20.92 5.87 -13.64
CA ASN A 216 21.89 6.53 -12.78
C ASN A 216 22.38 5.59 -11.68
N LEU A 217 21.51 4.72 -11.18
CA LEU A 217 21.94 3.72 -10.21
C LEU A 217 22.94 2.76 -10.83
N LYS A 218 22.70 2.37 -12.09
CA LYS A 218 23.66 1.53 -12.80
C LYS A 218 24.90 2.31 -13.21
N THR A 219 24.75 3.61 -13.49
CA THR A 219 25.89 4.42 -13.92
C THR A 219 26.78 4.80 -12.75
N GLY A 220 26.18 5.16 -11.61
CA GLY A 220 26.95 5.54 -10.44
C GLY A 220 26.40 6.74 -9.71
N VAL A 221 26.09 6.55 -8.42
CA VAL A 221 25.61 7.63 -7.56
C VAL A 221 26.61 7.82 -6.44
N SER A 222 26.61 9.04 -5.89
CA SER A 222 27.46 9.36 -4.75
C SER A 222 26.75 9.03 -3.45
N ILE A 223 27.53 8.75 -2.42
CA ILE A 223 26.97 8.42 -1.11
C ILE A 223 27.51 9.40 -0.08
N PRO A 224 26.69 9.91 0.85
CA PRO A 224 27.16 10.81 1.89
C PRO A 224 27.99 10.10 2.96
N GLY A 228 31.28 10.36 4.90
CA GLY A 228 32.01 11.52 5.40
C GLY A 228 32.97 12.10 4.38
N ARG A 229 33.31 11.31 3.37
CA ARG A 229 34.21 11.71 2.31
C ARG A 229 33.62 11.32 0.97
N ASP A 230 34.37 11.57 -0.10
CA ASP A 230 33.90 11.28 -1.45
C ASP A 230 33.85 9.78 -1.68
N ALA A 231 32.69 9.29 -2.11
CA ALA A 231 32.51 7.88 -2.42
C ALA A 231 31.31 7.73 -3.35
N THR A 232 31.48 6.93 -4.41
CA THR A 232 30.40 6.65 -5.34
C THR A 232 30.02 5.17 -5.24
N GLN A 233 28.98 4.80 -5.98
CA GLN A 233 28.33 3.51 -5.80
C GLN A 233 27.53 3.19 -7.07
N TYR A 234 27.71 1.98 -7.60
CA TYR A 234 26.98 1.55 -8.79
C TYR A 234 26.45 0.14 -8.59
N LEU A 235 25.34 -0.14 -9.27
CA LEU A 235 24.64 -1.41 -9.14
C LEU A 235 25.35 -2.48 -9.96
N VAL A 236 25.68 -3.59 -9.31
CA VAL A 236 26.34 -4.71 -9.99
C VAL A 236 25.41 -5.90 -10.22
N GLN A 237 24.32 -6.02 -9.46
CA GLN A 237 23.37 -7.11 -9.67
C GLN A 237 22.05 -6.76 -9.01
N GLN A 238 20.95 -6.96 -9.75
CA GLN A 238 19.60 -6.72 -9.26
C GLN A 238 18.74 -7.93 -9.57
N GLU A 239 18.03 -8.43 -8.56
CA GLU A 239 17.15 -9.58 -8.71
C GLU A 239 15.80 -9.23 -8.07
N SER A 240 14.86 -8.77 -8.89
CA SER A 240 13.53 -8.41 -8.41
C SER A 240 12.62 -8.25 -9.62
N SER A 241 11.31 -8.25 -9.36
CA SER A 241 10.33 -8.05 -10.41
C SER A 241 10.19 -6.57 -10.79
N PHE A 242 10.69 -5.66 -9.97
CA PHE A 242 10.58 -4.24 -10.24
C PHE A 242 11.56 -3.50 -9.34
N VAL A 243 11.71 -2.20 -9.59
CA VAL A 243 12.48 -1.31 -8.74
C VAL A 243 11.75 0.02 -8.66
N MET A 244 11.79 0.65 -7.48
CA MET A 244 11.15 1.93 -7.25
C MET A 244 12.24 2.96 -6.97
N MET A 245 12.36 3.95 -7.85
CA MET A 245 13.33 5.03 -7.70
C MET A 245 12.62 6.28 -7.22
N SER A 246 13.11 6.87 -6.14
CA SER A 246 12.48 8.02 -5.52
C SER A 246 13.46 9.17 -5.38
N ALA A 247 12.91 10.38 -5.34
CA ALA A 247 13.68 11.60 -5.20
C ALA A 247 12.73 12.74 -4.88
N PRO A 248 13.23 13.83 -4.29
CA PRO A 248 12.39 15.01 -4.10
C PRO A 248 11.81 15.47 -5.43
N PRO A 249 10.65 16.15 -5.40
CA PRO A 249 9.98 16.51 -6.66
C PRO A 249 10.86 17.35 -7.57
N ALA A 250 11.39 16.73 -8.62
CA ALA A 250 12.22 17.40 -9.60
C ALA A 250 11.58 17.32 -10.97
N GLU A 251 11.76 18.36 -11.76
CA GLU A 251 11.26 18.37 -13.13
C GLU A 251 11.94 17.28 -13.93
N TYR A 252 11.16 16.35 -14.48
CA TYR A 252 11.69 15.14 -15.05
C TYR A 252 10.82 14.69 -16.22
N LYS A 253 11.45 14.33 -17.33
CA LYS A 253 10.73 13.87 -18.51
C LYS A 253 10.53 12.37 -18.46
N LEU A 254 9.34 11.92 -18.83
CA LEU A 254 8.99 10.51 -18.88
C LEU A 254 8.78 10.11 -20.34
N GLN A 255 9.57 9.15 -20.80
CA GLN A 255 9.54 8.67 -22.18
C GLN A 255 8.90 7.29 -22.24
N GLN A 256 7.99 7.09 -23.18
CA GLN A 256 7.30 5.81 -23.31
C GLN A 256 8.29 4.69 -23.59
N GLY A 257 8.07 3.54 -22.96
CA GLY A 257 8.92 2.39 -23.11
C GLY A 257 10.15 2.37 -22.24
N THR A 258 10.45 3.46 -21.54
CA THR A 258 11.62 3.54 -20.68
C THR A 258 11.28 3.44 -19.19
N PHE A 259 10.01 3.24 -18.85
CA PHE A 259 9.59 3.13 -17.47
C PHE A 259 8.25 2.40 -17.41
N LEU A 260 7.93 1.90 -16.23
CA LEU A 260 6.67 1.20 -16.01
C LEU A 260 5.56 2.17 -15.60
N CYS A 261 5.77 2.92 -14.53
CA CYS A 261 4.82 3.94 -14.09
C CYS A 261 5.53 4.89 -13.15
N ALA A 262 4.87 6.01 -12.82
CA ALA A 262 5.46 7.05 -11.99
C ALA A 262 4.37 7.84 -11.28
N ASN A 263 4.78 8.64 -10.28
CA ASN A 263 3.90 9.59 -9.60
C ASN A 263 4.43 11.01 -9.81
N GLU A 264 3.56 11.90 -10.29
CA GLU A 264 3.84 13.32 -10.26
C GLU A 264 3.32 13.92 -8.96
N TYR A 265 4.07 14.89 -8.42
CA TYR A 265 3.70 15.61 -7.21
C TYR A 265 3.71 17.11 -7.50
N THR A 266 2.52 17.70 -7.60
CA THR A 266 2.40 19.15 -7.67
C THR A 266 2.27 19.73 -6.25
N GLY A 267 2.39 21.04 -6.16
CA GLY A 267 2.28 21.71 -4.89
C GLY A 267 3.62 21.86 -4.19
N ASN A 268 3.53 22.09 -2.88
CA ASN A 268 4.71 22.35 -2.05
C ASN A 268 4.92 21.24 -1.04
N TYR A 269 5.87 21.46 -0.14
CA TYR A 269 6.19 20.47 0.90
C TYR A 269 5.04 20.31 1.89
N GLN A 270 4.35 21.41 2.20
CA GLN A 270 3.28 21.38 3.19
C GLN A 270 1.99 20.81 2.62
N CYS A 271 1.66 21.14 1.38
CA CYS A 271 0.42 20.70 0.75
C CYS A 271 0.69 20.44 -0.72
N GLY A 272 0.37 19.22 -1.18
CA GLY A 272 0.63 18.83 -2.54
C GLY A 272 -0.50 18.00 -3.12
N HIS A 273 -0.28 17.53 -4.35
CA HIS A 273 -1.28 16.76 -5.09
C HIS A 273 -0.55 15.68 -5.89
N TYR A 274 -0.83 14.43 -5.59
CA TYR A 274 -0.23 13.31 -6.31
C TYR A 274 -1.03 12.99 -7.57
N THR A 275 -0.32 12.53 -8.60
CA THR A 275 -0.93 12.18 -9.87
C THR A 275 -0.15 11.02 -10.49
N HIS A 276 -0.86 10.01 -10.96
CA HIS A 276 -0.25 8.80 -11.49
C HIS A 276 -0.06 8.91 -12.99
N ILE A 277 1.05 8.34 -13.48
CA ILE A 277 1.41 8.40 -14.90
C ILE A 277 1.83 7.01 -15.36
N THR A 278 1.26 6.56 -16.48
CA THR A 278 1.61 5.26 -17.06
C THR A 278 1.72 5.42 -18.57
N ALA A 279 1.93 4.29 -19.25
CA ALA A 279 2.05 4.26 -20.70
C ALA A 279 1.46 2.96 -21.22
N LYS A 280 0.54 3.06 -22.18
CA LYS A 280 -0.02 1.90 -22.85
C LYS A 280 0.20 2.10 -24.34
N GLU A 281 -0.82 2.48 -25.11
CA GLU A 281 -0.57 2.95 -26.47
C GLU A 281 0.11 4.31 -26.45
N THR A 282 -0.21 5.14 -25.46
CA THR A 282 0.44 6.42 -25.24
C THR A 282 0.56 6.61 -23.73
N LEU A 283 0.95 7.82 -23.32
CA LEU A 283 1.12 8.12 -21.91
C LEU A 283 -0.23 8.45 -21.27
N TYR A 284 -0.48 7.89 -20.09
CA TYR A 284 -1.67 8.20 -19.33
C TYR A 284 -1.34 9.07 -18.13
N ARG A 285 -2.26 9.99 -17.82
CA ARG A 285 -2.23 10.79 -16.60
C ARG A 285 -3.50 10.47 -15.83
N ILE A 286 -3.39 9.67 -14.78
CA ILE A 286 -4.53 9.19 -14.02
C ILE A 286 -4.59 9.96 -12.72
N ASP A 287 -5.58 10.84 -12.59
CA ASP A 287 -5.78 11.69 -11.42
C ASP A 287 -7.15 11.39 -10.85
N GLY A 288 -7.24 10.34 -10.04
CA GLY A 288 -8.51 9.92 -9.48
C GLY A 288 -9.44 9.35 -10.53
N ALA A 289 -10.63 9.94 -10.64
CA ALA A 289 -11.56 9.59 -11.70
C ALA A 289 -11.26 10.29 -13.01
N HIS A 290 -10.17 11.04 -13.08
CA HIS A 290 -9.79 11.78 -14.27
C HIS A 290 -8.67 11.04 -15.01
N LEU A 291 -8.69 11.16 -16.34
CA LEU A 291 -7.66 10.59 -17.19
C LEU A 291 -7.32 11.57 -18.29
N THR A 292 -6.03 11.76 -18.54
CA THR A 292 -5.55 12.54 -19.67
C THR A 292 -4.55 11.71 -20.46
N LYS A 293 -4.71 11.69 -21.78
CA LYS A 293 -3.75 11.04 -22.65
C LYS A 293 -2.86 12.07 -23.30
N MET A 294 -1.61 11.68 -23.56
CA MET A 294 -0.59 12.63 -23.99
C MET A 294 0.53 11.87 -24.68
N SER A 295 1.12 12.50 -25.70
CA SER A 295 2.26 11.91 -26.38
C SER A 295 3.56 12.18 -25.65
N GLU A 296 3.62 13.26 -24.89
CA GLU A 296 4.82 13.65 -24.14
C GLU A 296 4.42 14.02 -22.71
N TYR A 297 5.34 13.84 -21.78
CA TYR A 297 5.17 14.34 -20.42
C TYR A 297 6.49 14.87 -19.88
N LYS A 298 6.40 15.99 -19.16
CA LYS A 298 7.53 16.55 -18.43
C LYS A 298 6.97 17.30 -17.24
N GLY A 299 7.35 16.87 -16.04
CA GLY A 299 6.83 17.50 -14.83
C GLY A 299 7.53 17.05 -13.56
N PRO A 300 7.06 17.56 -12.42
CA PRO A 300 7.70 17.24 -11.13
C PRO A 300 7.33 15.84 -10.67
N VAL A 301 8.31 14.93 -10.75
CA VAL A 301 8.12 13.53 -10.42
C VAL A 301 8.86 13.21 -9.14
N THR A 302 8.24 12.38 -8.29
CA THR A 302 8.86 11.94 -7.04
C THR A 302 9.20 10.46 -7.00
N ASP A 303 8.50 9.63 -7.78
CA ASP A 303 8.74 8.20 -7.78
C ASP A 303 8.56 7.67 -9.20
N VAL A 304 9.46 6.79 -9.62
CA VAL A 304 9.38 6.12 -10.91
C VAL A 304 9.59 4.63 -10.71
N PHE A 305 8.72 3.82 -11.30
CA PHE A 305 8.82 2.38 -11.25
C PHE A 305 9.36 1.83 -12.57
N TYR A 306 10.12 0.76 -12.48
CA TYR A 306 10.70 0.10 -13.65
C TYR A 306 10.48 -1.39 -13.56
N LYS A 307 10.19 -2.03 -14.70
CA LYS A 307 10.14 -3.47 -14.75
C LYS A 307 11.54 -4.07 -14.69
N GLU A 308 11.70 -5.13 -13.90
CA GLU A 308 12.99 -5.77 -13.73
C GLU A 308 12.80 -7.28 -13.67
N THR A 309 13.82 -8.01 -14.12
CA THR A 309 13.86 -9.45 -13.97
C THR A 309 15.20 -9.87 -13.37
N SER A 310 16.26 -9.78 -14.18
CA SER A 310 17.61 -10.03 -13.73
C SER A 310 18.55 -9.04 -14.40
N TYR A 311 19.38 -8.37 -13.61
CA TYR A 311 20.36 -7.43 -14.13
C TYR A 311 21.70 -7.71 -13.48
N THR A 312 22.73 -7.88 -14.31
CA THR A 312 24.12 -7.92 -13.87
C THR A 312 24.93 -6.97 -14.74
N THR A 313 25.95 -6.36 -14.15
CA THR A 313 26.77 -5.40 -14.87
C THR A 313 27.85 -6.10 -15.68
N GLY B 4 0.89 15.02 0.07
CA GLY B 4 -0.03 15.28 -1.01
C GLY B 4 -1.45 14.79 -0.74
#